data_2GLI
#
_entry.id   2GLI
#
_cell.length_a   149.000
_cell.length_b   50.200
_cell.length_c   45.400
_cell.angle_alpha   90.00
_cell.angle_beta   90.00
_cell.angle_gamma   90.00
#
_symmetry.space_group_name_H-M   'P 21 21 21'
#
loop_
_entity.id
_entity.type
_entity.pdbx_description
1 polymer "DNA (5'-D(*TP*TP*TP*CP*GP*TP*CP*TP*TP*GP*GP*GP*TP*GP*GP*TP*CP*CP*AP*CP*G)-3')"
2 polymer "DNA (5'-D(*AP*CP*GP*TP*GP*GP*AP*CP*CP*AP*CP*CP*CP*AP*AP*GP*AP*CP*GP*AP*A)-3')"
3 polymer 'PROTEIN (FIVE-FINGER GLI)'
4 non-polymer 'COBALT (II) ION'
5 water water
#
loop_
_entity_poly.entity_id
_entity_poly.type
_entity_poly.pdbx_seq_one_letter_code
_entity_poly.pdbx_strand_id
1 'polydeoxyribonucleotide'
;(DT)(DT)(DT)(DC)(DG)(DT)(DC)(DT)(DT)(DG)(DG)(DG)(DT)(DG)(DG)(DT)(DC)(DC)(DA)(DC)
(DG)
;
C
2 'polydeoxyribonucleotide'
;(DA)(DC)(DG)(DT)(DG)(DG)(DA)(DC)(DC)(DA)(DC)(DC)(DC)(DA)(DA)(DG)(DA)(DC)(DG)(DA)
(DA)
;
D
3 'polypeptide(L)'
;ETDCRWDGCSQEFDSQEQLVHHINSEHIHGERKEFVCHWGGCSRELRPFKAQYMLVVHMRRHTGEKPHKCTFEGCRKSYS
RLENLKTHLRSHTGEKPYMCEHEGCSKAFSNASDRAKHQNRTHSNEKPYVCKLPGCTKRYTDPSSLRKHVKTVHG
;
A
#
# COMPACT_ATOMS: atom_id res chain seq x y z
N GLU C 1 8.42 -13.66 -6.28
CA GLU C 1 9.66 -13.63 -7.04
C GLU C 1 10.00 -14.95 -7.71
N THR C 2 9.24 -15.21 -8.77
CA THR C 2 9.41 -16.34 -9.68
C THR C 2 9.14 -17.76 -9.18
N ASP C 3 7.91 -17.98 -8.77
CA ASP C 3 7.50 -19.27 -8.29
C ASP C 3 6.22 -19.18 -7.52
N CYS C 4 5.21 -19.82 -8.02
CA CYS C 4 4.03 -19.78 -7.21
C CYS C 4 4.36 -20.30 -5.83
N ARG C 5 3.61 -19.79 -4.86
CA ARG C 5 3.63 -20.33 -3.52
C ARG C 5 2.20 -20.62 -3.04
N TRP C 6 1.25 -20.73 -4.00
CA TRP C 6 -0.12 -21.11 -3.66
C TRP C 6 -0.05 -22.49 -2.98
N ASP C 7 -0.83 -22.67 -1.91
CA ASP C 7 -0.82 -23.92 -1.18
C ASP C 7 -0.84 -25.11 -2.13
N GLY C 8 0.29 -25.81 -2.20
CA GLY C 8 0.36 -27.01 -2.99
C GLY C 8 0.81 -26.81 -4.41
N CYS C 9 0.55 -25.64 -4.99
CA CYS C 9 0.99 -25.47 -6.36
C CYS C 9 2.49 -25.31 -6.36
N SER C 10 3.13 -25.88 -7.40
CA SER C 10 4.56 -25.92 -7.42
C SER C 10 5.24 -25.45 -8.70
N GLN C 11 4.54 -24.61 -9.44
CA GLN C 11 5.12 -24.07 -10.65
C GLN C 11 6.20 -23.01 -10.41
N GLU C 12 7.51 -23.30 -10.55
CA GLU C 12 8.52 -22.25 -10.53
C GLU C 12 8.44 -21.51 -11.88
N PHE C 13 9.05 -20.32 -12.12
CA PHE C 13 8.80 -19.62 -13.40
C PHE C 13 9.90 -18.82 -14.09
N ASP C 14 9.53 -18.02 -15.12
CA ASP C 14 10.56 -17.32 -15.90
C ASP C 14 10.49 -15.81 -16.05
N SER C 15 9.36 -15.28 -15.67
CA SER C 15 9.04 -13.92 -15.99
C SER C 15 7.88 -13.58 -15.11
N GLN C 16 7.82 -12.35 -14.65
CA GLN C 16 6.68 -12.00 -13.83
C GLN C 16 5.42 -12.23 -14.61
N GLU C 17 5.40 -11.70 -15.83
CA GLU C 17 4.30 -11.89 -16.73
C GLU C 17 3.65 -13.27 -16.58
N GLN C 18 4.40 -14.37 -16.70
CA GLN C 18 3.84 -15.73 -16.63
C GLN C 18 3.19 -16.06 -15.28
N LEU C 19 3.95 -15.82 -14.22
CA LEU C 19 3.46 -16.07 -12.89
C LEU C 19 2.21 -15.28 -12.63
N VAL C 20 2.31 -13.98 -12.88
CA VAL C 20 1.16 -13.16 -12.62
C VAL C 20 0.16 -13.44 -13.67
N HIS C 21 0.52 -14.31 -14.61
CA HIS C 21 -0.50 -14.77 -15.54
C HIS C 21 -1.18 -15.98 -14.93
N HIS C 22 -0.39 -16.99 -14.63
CA HIS C 22 -0.91 -18.20 -14.00
C HIS C 22 -1.84 -18.01 -12.84
N ILE C 23 -1.52 -17.11 -11.90
CA ILE C 23 -2.41 -16.93 -10.76
C ILE C 23 -3.86 -16.66 -11.21
N ASN C 24 -4.09 -15.53 -11.86
CA ASN C 24 -5.39 -15.11 -12.30
C ASN C 24 -6.11 -16.12 -13.15
N SER C 25 -5.34 -16.90 -13.86
CA SER C 25 -6.02 -17.89 -14.62
C SER C 25 -6.19 -19.17 -13.81
N GLU C 26 -5.11 -19.70 -13.24
CA GLU C 26 -5.10 -20.92 -12.45
C GLU C 26 -5.89 -20.88 -11.15
N HIS C 27 -5.53 -19.95 -10.23
CA HIS C 27 -6.12 -19.89 -8.90
C HIS C 27 -7.27 -18.91 -8.70
N ILE C 28 -7.17 -17.70 -9.22
CA ILE C 28 -8.23 -16.76 -8.90
C ILE C 28 -9.34 -16.79 -9.90
N HIS C 29 -9.05 -17.30 -11.11
CA HIS C 29 -10.00 -17.23 -12.21
C HIS C 29 -10.78 -18.41 -12.72
N GLY C 30 -12.03 -18.38 -12.31
CA GLY C 30 -13.03 -19.40 -12.58
C GLY C 30 -14.00 -19.42 -11.41
N GLU C 31 -14.26 -20.63 -10.91
CA GLU C 31 -15.04 -20.88 -9.72
C GLU C 31 -16.10 -19.88 -9.29
N ARG C 32 -17.19 -20.49 -8.80
CA ARG C 32 -18.32 -19.80 -8.19
C ARG C 32 -18.48 -20.25 -6.73
N LYS C 33 -17.35 -20.36 -6.02
CA LYS C 33 -17.39 -20.73 -4.62
C LYS C 33 -16.34 -20.02 -3.78
N GLU C 34 -16.47 -18.68 -3.65
CA GLU C 34 -15.68 -17.80 -2.78
C GLU C 34 -14.16 -17.64 -3.06
N PHE C 35 -13.65 -16.38 -3.19
CA PHE C 35 -12.23 -16.09 -3.39
C PHE C 35 -11.40 -15.63 -2.16
N VAL C 36 -10.32 -16.41 -1.86
CA VAL C 36 -9.36 -16.32 -0.76
C VAL C 36 -7.93 -16.63 -1.21
N CYS C 37 -6.94 -15.85 -0.80
CA CYS C 37 -5.53 -16.18 -1.05
C CYS C 37 -5.13 -17.45 -0.29
N HIS C 38 -4.20 -18.18 -0.85
CA HIS C 38 -3.69 -19.37 -0.23
C HIS C 38 -2.24 -19.34 -0.59
N TRP C 39 -1.63 -18.25 -0.16
CA TRP C 39 -0.22 -17.98 -0.39
C TRP C 39 0.41 -18.08 0.97
N GLY C 40 1.62 -18.59 0.93
CA GLY C 40 2.50 -18.90 2.05
C GLY C 40 2.17 -18.17 3.33
N GLY C 41 2.89 -17.08 3.53
CA GLY C 41 2.67 -16.35 4.77
C GLY C 41 1.61 -15.27 4.61
N CYS C 42 0.38 -15.60 4.32
CA CYS C 42 -0.45 -14.46 4.07
C CYS C 42 -1.06 -13.87 5.32
N SER C 43 -0.59 -12.66 5.63
CA SER C 43 -1.05 -11.86 6.73
C SER C 43 -2.55 -11.84 6.96
N ARG C 44 -3.32 -12.73 6.32
CA ARG C 44 -4.75 -12.72 6.49
C ARG C 44 -5.22 -14.13 6.33
N GLU C 45 -4.21 -14.96 6.22
CA GLU C 45 -4.42 -16.36 5.96
C GLU C 45 -5.55 -16.52 4.99
N LEU C 46 -6.71 -16.66 5.57
CA LEU C 46 -7.76 -16.89 4.67
C LEU C 46 -8.83 -15.91 4.80
N ARG C 47 -8.53 -14.69 5.25
CA ARG C 47 -9.57 -13.65 5.33
C ARG C 47 -10.02 -13.37 3.92
N PRO C 48 -11.01 -14.14 3.47
CA PRO C 48 -11.53 -14.12 2.12
C PRO C 48 -11.76 -12.73 1.65
N PHE C 49 -11.75 -12.48 0.34
CA PHE C 49 -12.06 -11.14 -0.15
C PHE C 49 -13.56 -10.91 -0.49
N LYS C 50 -14.03 -9.68 -0.64
CA LYS C 50 -15.42 -9.67 -0.99
C LYS C 50 -15.78 -10.08 -2.40
N ALA C 51 -15.20 -9.33 -3.31
CA ALA C 51 -15.30 -9.61 -4.72
C ALA C 51 -14.02 -10.39 -5.02
N GLN C 52 -13.84 -10.85 -6.22
CA GLN C 52 -12.66 -11.62 -6.41
C GLN C 52 -11.56 -10.88 -7.19
N TYR C 53 -12.02 -9.75 -7.66
CA TYR C 53 -11.12 -8.87 -8.32
C TYR C 53 -10.22 -8.21 -7.30
N MET C 54 -10.70 -8.20 -6.05
CA MET C 54 -10.01 -7.67 -4.90
C MET C 54 -8.87 -8.59 -4.50
N LEU C 55 -9.09 -9.90 -4.46
CA LEU C 55 -8.01 -10.81 -4.22
C LEU C 55 -6.95 -10.45 -5.24
N VAL C 56 -7.30 -10.61 -6.52
CA VAL C 56 -6.44 -10.29 -7.69
C VAL C 56 -5.53 -9.10 -7.47
N VAL C 57 -5.95 -8.04 -6.79
CA VAL C 57 -4.98 -6.95 -6.61
C VAL C 57 -3.96 -7.23 -5.54
N HIS C 58 -4.41 -8.08 -4.62
CA HIS C 58 -3.77 -8.43 -3.36
C HIS C 58 -2.47 -9.15 -3.58
N MET C 59 -2.55 -10.22 -4.36
CA MET C 59 -1.40 -10.96 -4.84
C MET C 59 -0.23 -10.03 -5.18
N ARG C 60 -0.50 -8.92 -5.89
CA ARG C 60 0.53 -7.96 -6.30
C ARG C 60 1.53 -7.58 -5.18
N ARG C 61 1.13 -7.98 -3.95
CA ARG C 61 1.87 -8.09 -2.72
C ARG C 61 2.78 -9.24 -3.04
N HIS C 62 2.27 -10.44 -2.82
CA HIS C 62 2.90 -11.69 -3.18
C HIS C 62 3.62 -11.71 -4.53
N THR C 63 2.96 -11.28 -5.62
CA THR C 63 3.66 -11.27 -6.92
C THR C 63 4.75 -10.24 -7.13
N GLY C 64 4.54 -8.98 -6.74
CA GLY C 64 5.58 -7.98 -6.97
C GLY C 64 5.23 -7.09 -8.17
N GLU C 65 4.09 -7.41 -8.78
CA GLU C 65 3.59 -6.82 -9.99
C GLU C 65 2.91 -5.45 -9.87
N LYS C 66 3.57 -4.44 -10.43
CA LYS C 66 3.05 -3.09 -10.44
C LYS C 66 2.89 -2.70 -11.91
N PRO C 67 1.69 -2.93 -12.37
CA PRO C 67 1.34 -2.95 -13.76
C PRO C 67 0.81 -1.65 -14.31
N HIS C 68 0.66 -0.66 -13.45
CA HIS C 68 0.16 0.62 -13.90
C HIS C 68 1.33 1.52 -14.26
N LYS C 69 1.86 1.41 -15.45
CA LYS C 69 3.02 2.26 -15.66
C LYS C 69 2.76 3.76 -15.76
N CYS C 70 3.82 4.55 -15.60
CA CYS C 70 3.73 5.99 -15.69
C CYS C 70 3.88 6.20 -17.15
N THR C 71 3.48 7.35 -17.66
CA THR C 71 3.48 7.65 -19.07
C THR C 71 4.50 8.69 -19.51
N PHE C 72 4.60 9.76 -18.74
CA PHE C 72 5.54 10.80 -18.95
C PHE C 72 6.80 10.22 -19.52
N GLU C 73 7.08 10.50 -20.78
CA GLU C 73 8.22 9.84 -21.37
C GLU C 73 9.44 9.92 -20.52
N GLY C 74 10.27 8.90 -20.59
CA GLY C 74 11.46 8.91 -19.75
C GLY C 74 11.32 8.11 -18.45
N CYS C 75 10.38 8.56 -17.59
CA CYS C 75 10.11 7.99 -16.29
C CYS C 75 9.52 6.61 -16.34
N ARG C 76 9.92 5.74 -15.43
CA ARG C 76 9.52 4.36 -15.59
C ARG C 76 8.98 3.71 -14.32
N LYS C 77 8.18 4.47 -13.60
CA LYS C 77 7.62 3.99 -12.37
C LYS C 77 6.22 3.44 -12.52
N SER C 78 6.06 2.22 -12.02
CA SER C 78 4.79 1.58 -11.94
C SER C 78 4.39 1.64 -10.52
N TYR C 79 3.18 1.19 -10.30
CA TYR C 79 2.59 0.99 -9.01
C TYR C 79 1.69 -0.17 -9.31
N SER C 80 0.85 -0.55 -8.41
CA SER C 80 0.03 -1.71 -8.63
C SER C 80 -1.36 -1.42 -8.21
N ARG C 81 -1.53 -0.17 -7.88
CA ARG C 81 -2.80 0.36 -7.48
C ARG C 81 -3.14 1.59 -8.32
N LEU C 82 -4.32 1.63 -8.95
CA LEU C 82 -4.53 2.72 -9.89
C LEU C 82 -4.35 4.07 -9.25
N GLU C 83 -5.00 4.21 -8.10
CA GLU C 83 -4.99 5.43 -7.33
C GLU C 83 -3.61 5.97 -7.29
N ASN C 84 -2.72 5.07 -6.88
CA ASN C 84 -1.33 5.41 -6.78
C ASN C 84 -0.83 6.00 -8.08
N LEU C 85 -0.65 5.16 -9.10
CA LEU C 85 -0.17 5.67 -10.36
C LEU C 85 -0.77 7.01 -10.65
N LYS C 86 -2.04 7.21 -10.30
CA LYS C 86 -2.61 8.50 -10.56
C LYS C 86 -1.79 9.62 -9.94
N THR C 87 -1.64 9.55 -8.62
CA THR C 87 -0.84 10.57 -7.99
C THR C 87 0.60 10.66 -8.47
N HIS C 88 1.34 9.51 -8.46
CA HIS C 88 2.68 9.50 -8.98
C HIS C 88 2.70 10.41 -10.15
N LEU C 89 1.59 10.41 -10.93
CA LEU C 89 1.40 11.19 -12.17
C LEU C 89 1.48 12.66 -11.97
N ARG C 90 0.50 13.21 -11.25
CA ARG C 90 0.50 14.63 -10.99
C ARG C 90 1.87 15.16 -10.63
N SER C 91 2.60 14.41 -9.83
CA SER C 91 3.89 14.89 -9.45
C SER C 91 4.63 15.30 -10.69
N HIS C 92 4.46 14.55 -11.77
CA HIS C 92 5.15 14.96 -12.96
C HIS C 92 4.66 16.36 -13.37
N THR C 93 3.54 16.84 -12.81
CA THR C 93 2.98 18.13 -13.22
C THR C 93 2.97 19.19 -12.15
N GLY C 94 2.61 18.78 -10.94
CA GLY C 94 2.47 19.69 -9.83
C GLY C 94 1.02 19.74 -9.38
N GLU C 95 0.21 19.02 -10.12
CA GLU C 95 -1.17 18.92 -9.78
C GLU C 95 -1.41 18.60 -8.30
N LYS C 96 -1.86 19.56 -7.50
CA LYS C 96 -2.18 19.20 -6.11
C LYS C 96 -3.71 19.22 -5.93
N PRO C 97 -4.43 18.40 -6.65
CA PRO C 97 -5.88 18.41 -6.60
C PRO C 97 -6.48 18.37 -5.22
N TYR C 98 -5.68 18.22 -4.18
CA TYR C 98 -6.28 17.90 -2.90
C TYR C 98 -5.93 18.81 -1.76
N MET C 99 -6.82 19.77 -1.59
CA MET C 99 -6.70 20.80 -0.60
C MET C 99 -7.08 20.37 0.81
N CYS C 100 -6.36 20.90 1.85
CA CYS C 100 -6.72 20.59 3.21
C CYS C 100 -8.04 21.20 3.44
N GLU C 101 -9.02 20.33 3.35
CA GLU C 101 -10.32 20.86 3.60
C GLU C 101 -10.80 20.48 4.91
N HIS C 102 -10.80 21.54 5.68
CA HIS C 102 -11.41 21.58 6.95
C HIS C 102 -10.82 22.62 7.88
N GLU C 103 -11.81 23.19 8.61
CA GLU C 103 -11.68 24.22 9.61
C GLU C 103 -11.12 25.50 9.00
N GLY C 104 -10.11 25.39 8.15
CA GLY C 104 -9.74 26.68 7.62
C GLY C 104 -8.30 26.78 7.22
N CYS C 105 -7.74 25.66 6.75
CA CYS C 105 -6.33 25.50 6.37
C CYS C 105 -5.85 25.92 4.99
N SER C 106 -6.49 25.46 3.93
CA SER C 106 -6.01 25.92 2.64
C SER C 106 -4.61 25.48 2.22
N LYS C 107 -4.27 24.23 2.47
CA LYS C 107 -3.04 23.66 2.04
C LYS C 107 -3.45 22.36 1.42
N ALA C 108 -2.66 21.88 0.47
CA ALA C 108 -3.12 20.77 -0.35
C ALA C 108 -2.15 19.69 -0.83
N PHE C 109 -2.71 18.51 -1.02
CA PHE C 109 -1.93 17.37 -1.43
C PHE C 109 -2.17 16.84 -2.85
N SER C 110 -1.17 16.17 -3.38
CA SER C 110 -1.30 15.54 -4.64
C SER C 110 -2.26 14.39 -4.50
N ASN C 111 -2.56 14.05 -3.26
CA ASN C 111 -3.43 12.92 -2.96
C ASN C 111 -4.23 13.02 -1.68
N ALA C 112 -5.21 12.16 -1.63
CA ALA C 112 -6.21 12.27 -0.61
C ALA C 112 -5.74 12.02 0.77
N SER C 113 -5.04 10.88 0.92
CA SER C 113 -4.51 10.32 2.18
C SER C 113 -3.54 11.26 2.86
N ASP C 114 -2.47 11.65 2.17
CA ASP C 114 -1.58 12.62 2.78
C ASP C 114 -2.34 13.86 3.15
N ARG C 115 -3.49 14.02 2.57
CA ARG C 115 -4.16 15.24 2.94
C ARG C 115 -4.82 14.94 4.25
N ALA C 116 -5.11 13.67 4.47
CA ALA C 116 -5.83 13.32 5.68
C ALA C 116 -4.93 13.23 6.90
N LYS C 117 -3.68 12.78 6.75
CA LYS C 117 -2.67 12.90 7.78
C LYS C 117 -2.63 14.36 8.13
N HIS C 118 -1.69 15.11 7.56
CA HIS C 118 -1.72 16.57 7.73
C HIS C 118 -3.01 17.06 8.36
N GLN C 119 -4.09 16.70 7.68
CA GLN C 119 -5.38 17.15 8.09
C GLN C 119 -5.67 16.86 9.55
N ASN C 120 -5.57 15.62 9.96
CA ASN C 120 -5.85 15.28 11.34
C ASN C 120 -4.66 15.67 12.24
N ARG C 121 -3.44 15.22 11.86
CA ARG C 121 -2.22 15.50 12.60
C ARG C 121 -1.95 17.00 12.69
N THR C 122 -1.71 17.69 11.60
CA THR C 122 -1.36 19.06 11.79
C THR C 122 -2.35 19.89 12.57
N HIS C 123 -3.56 19.40 12.77
CA HIS C 123 -4.50 20.20 13.55
C HIS C 123 -4.93 19.35 14.74
N SER C 124 -3.94 18.54 15.09
CA SER C 124 -3.88 17.44 16.05
C SER C 124 -4.39 17.69 17.42
N ASN C 125 -3.56 18.47 18.09
CA ASN C 125 -3.59 18.62 19.51
C ASN C 125 -2.98 17.38 20.20
N GLU C 126 -3.60 16.21 20.10
CA GLU C 126 -3.01 15.00 20.64
C GLU C 126 -1.86 14.44 19.80
N LYS C 127 -1.02 13.68 20.47
CA LYS C 127 0.10 13.03 19.81
C LYS C 127 0.14 11.61 20.35
N PRO C 128 -0.32 10.69 19.48
CA PRO C 128 -0.55 9.33 19.85
C PRO C 128 0.53 8.36 19.47
N TYR C 129 1.59 8.87 18.89
CA TYR C 129 2.73 8.02 18.75
C TYR C 129 3.53 8.26 19.99
N VAL C 130 2.92 7.96 21.15
CA VAL C 130 3.50 8.11 22.50
C VAL C 130 4.56 7.05 22.55
N CYS C 131 5.74 7.39 23.03
CA CYS C 131 6.71 6.32 23.15
C CYS C 131 6.40 5.50 24.38
N LYS C 132 6.66 4.21 24.25
CA LYS C 132 6.32 3.31 25.31
C LYS C 132 7.52 2.76 26.01
N LEU C 133 8.35 3.68 26.48
CA LEU C 133 9.42 3.35 27.38
C LEU C 133 9.11 4.14 28.60
N PRO C 134 9.05 3.37 29.69
CA PRO C 134 8.70 3.84 31.01
C PRO C 134 9.64 4.90 31.49
N GLY C 135 9.12 6.06 31.90
CA GLY C 135 9.94 7.12 32.50
C GLY C 135 10.38 8.19 31.52
N CYS C 136 9.49 8.35 30.53
CA CYS C 136 9.57 9.15 29.32
C CYS C 136 8.32 10.00 29.15
N THR C 137 7.26 9.28 28.82
CA THR C 137 5.99 9.95 28.60
C THR C 137 5.94 10.78 27.29
N LYS C 138 7.04 10.62 26.45
CA LYS C 138 7.37 11.23 25.14
C LYS C 138 6.40 10.83 24.04
N ARG C 139 5.67 11.77 23.45
CA ARG C 139 4.71 11.39 22.43
C ARG C 139 4.81 12.35 21.30
N TYR C 140 4.58 11.84 20.07
CA TYR C 140 4.59 12.64 18.85
C TYR C 140 3.38 12.40 17.97
N THR C 141 3.26 13.31 16.98
CA THR C 141 2.16 13.25 16.03
C THR C 141 2.25 12.20 14.97
N ASP C 142 3.46 11.95 14.46
CA ASP C 142 3.65 11.05 13.36
C ASP C 142 4.66 9.97 13.66
N PRO C 143 4.45 8.80 13.08
CA PRO C 143 5.29 7.64 13.34
C PRO C 143 6.74 7.84 13.08
N SER C 144 6.98 8.89 12.33
CA SER C 144 8.33 9.15 11.90
C SER C 144 9.10 9.81 13.04
N SER C 145 8.47 10.87 13.59
CA SER C 145 9.03 11.56 14.74
C SER C 145 9.18 10.56 15.89
N LEU C 146 8.16 9.74 16.11
CA LEU C 146 8.28 8.78 17.17
C LEU C 146 9.50 7.95 16.86
N ARG C 147 9.36 6.94 16.06
CA ARG C 147 10.45 6.15 15.49
C ARG C 147 11.84 6.73 15.65
N LYS C 148 12.01 7.97 15.30
CA LYS C 148 13.33 8.58 15.40
C LYS C 148 13.73 8.67 16.86
N HIS C 149 12.73 8.89 17.68
CA HIS C 149 13.07 9.00 19.07
C HIS C 149 13.36 7.70 19.69
N VAL C 150 12.42 6.78 19.64
CA VAL C 150 12.66 5.49 20.25
C VAL C 150 13.86 4.79 19.67
N LYS C 151 15.02 5.42 19.66
CA LYS C 151 16.15 4.80 19.03
C LYS C 151 17.29 5.81 18.95
N THR C 152 16.93 7.08 18.95
CA THR C 152 17.96 8.09 19.06
C THR C 152 18.12 8.24 20.56
N VAL C 153 16.95 8.33 21.22
CA VAL C 153 16.80 8.20 22.64
C VAL C 153 16.86 6.77 23.12
N HIS C 154 15.78 6.11 23.48
CA HIS C 154 15.89 4.72 23.85
C HIS C 154 16.64 3.90 22.82
N GLY C 155 16.32 2.62 22.77
CA GLY C 155 16.96 1.75 21.81
C GLY C 155 18.47 1.97 21.81
#